data_6L03
#
_entry.id   6L03
#
_cell.length_a   71.048
_cell.length_b   84.074
_cell.length_c   48.753
_cell.angle_alpha   90.000
_cell.angle_beta   90.000
_cell.angle_gamma   90.000
#
_symmetry.space_group_name_H-M   'P 21 21 2'
#
loop_
_entity.id
_entity.type
_entity.pdbx_description
1 polymer 'Tyrosine-protein phosphatase non-receptor type 9'
2 polymer 'stxbp1-pY145 peptide'
3 water water
#
loop_
_entity_poly.entity_id
_entity_poly.type
_entity_poly.pdbx_seq_one_letter_code
_entity_poly.pdbx_strand_id
1 'polypeptide(L)'
;SVHVPGPHAMTIQELVDYVNARQKQGIYEEYEDIRRENPVGTFHCSMSPGNLEKNRYGDVPCLDQTRVKLTKRSGHTQTD
YINASFMDGYKQKNAYIGTQGPLENTYRDFWLMVWEQKVLVIVMTTRFEEGGRRKCGQYWPLEKDSRIRFGFLTVTNLGV
ENMNHYKKTTLEIHNTEERQKRQVTHFQFLSWPAYGVPSSAASLIDFLRVVRNQQSLAVSNMGARSKGQCPEPPIVVHAS
AGIGRTGTFCSLDICLAQLEELGTLNVFQTVSRMRTQRAFSIQTPEQYYFCYKAILEFAEKEGMVSS
;
A
2 'polypeptide(L)' ESQV(PTR)SLDS F
#
# COMPACT_ATOMS: atom_id res chain seq x y z
N SER A 1 -2.76 1.92 17.53
CA SER A 1 -2.14 1.16 16.46
C SER A 1 -1.65 -0.18 16.99
N VAL A 2 -1.71 -1.22 16.17
CA VAL A 2 -1.09 -2.47 16.58
C VAL A 2 0.42 -2.40 16.55
N HIS A 3 0.99 -1.41 15.87
CA HIS A 3 2.43 -1.29 15.70
C HIS A 3 3.05 -0.54 16.88
N VAL A 4 3.07 -1.21 18.03
CA VAL A 4 3.76 -0.68 19.20
C VAL A 4 5.20 -1.16 19.16
N PRO A 5 6.13 -0.36 19.64
CA PRO A 5 7.53 -0.77 19.68
C PRO A 5 7.72 -2.14 20.34
N GLY A 6 7.15 -2.32 21.53
CA GLY A 6 7.25 -3.57 22.25
C GLY A 6 6.81 -4.75 21.40
N PRO A 7 7.33 -5.93 21.71
CA PRO A 7 8.13 -6.15 22.92
C PRO A 7 9.61 -6.40 22.68
N HIS A 8 10.02 -6.60 21.43
CA HIS A 8 11.42 -6.87 21.14
C HIS A 8 12.00 -5.86 20.16
N ALA A 9 11.72 -4.58 20.39
CA ALA A 9 12.26 -3.55 19.50
C ALA A 9 13.77 -3.61 19.51
N MET A 10 14.37 -3.35 18.35
CA MET A 10 15.81 -3.47 18.12
C MET A 10 16.36 -2.13 17.70
N THR A 11 17.55 -1.80 18.19
CA THR A 11 18.27 -0.66 17.68
C THR A 11 18.97 -1.03 16.38
N ILE A 12 19.46 0.01 15.68
CA ILE A 12 19.99 -0.20 14.35
C ILE A 12 21.28 -1.01 14.38
N GLN A 13 22.04 -0.95 15.48
CA GLN A 13 23.21 -1.83 15.53
C GLN A 13 22.82 -3.25 15.92
N GLU A 14 21.82 -3.40 16.80
CA GLU A 14 21.32 -4.75 17.06
C GLU A 14 20.75 -5.37 15.80
N LEU A 15 20.13 -4.55 14.94
CA LEU A 15 19.64 -5.05 13.66
C LEU A 15 20.78 -5.56 12.80
N VAL A 16 21.90 -4.81 12.76
CA VAL A 16 23.07 -5.25 12.02
C VAL A 16 23.54 -6.60 12.53
N ASP A 17 23.70 -6.71 13.85
CA ASP A 17 24.06 -8.00 14.44
C ASP A 17 23.05 -9.08 14.03
N TYR A 18 21.76 -8.78 14.19
CA TYR A 18 20.69 -9.72 13.84
C TYR A 18 20.83 -10.21 12.41
N VAL A 19 20.93 -9.29 11.45
CA VAL A 19 21.00 -9.71 10.06
C VAL A 19 22.30 -10.45 9.78
N ASN A 20 23.40 -10.00 10.38
CA ASN A 20 24.67 -10.69 10.20
C ASN A 20 24.59 -12.12 10.72
N ALA A 21 23.89 -12.32 11.85
CA ALA A 21 23.83 -13.65 12.42
C ALA A 21 22.91 -14.58 11.65
N ARG A 22 21.83 -14.06 11.07
CA ARG A 22 20.87 -14.88 10.36
C ARG A 22 21.24 -15.07 8.89
N GLN A 23 21.81 -14.04 8.27
CA GLN A 23 22.14 -14.05 6.85
C GLN A 23 20.88 -14.07 5.99
N LYS A 24 21.06 -14.00 4.66
CA LYS A 24 19.91 -14.03 3.78
C LYS A 24 19.08 -15.28 4.01
N GLN A 25 19.73 -16.44 4.11
CA GLN A 25 18.96 -17.67 4.30
C GLN A 25 18.17 -17.63 5.59
N GLY A 26 18.76 -17.10 6.65
CA GLY A 26 18.02 -16.97 7.90
C GLY A 26 16.86 -16.00 7.77
N ILE A 27 17.06 -14.91 7.05
CA ILE A 27 15.96 -13.96 6.87
C ILE A 27 14.87 -14.58 5.99
N TYR A 28 15.28 -15.35 4.97
CA TYR A 28 14.29 -16.10 4.19
C TYR A 28 13.50 -17.05 5.07
N GLU A 29 14.17 -17.75 5.99
CA GLU A 29 13.46 -18.66 6.88
C GLU A 29 12.57 -17.90 7.84
N GLU A 30 12.96 -16.68 8.21
CA GLU A 30 12.08 -15.86 9.04
C GLU A 30 10.79 -15.52 8.29
N TYR A 31 10.90 -15.09 7.04
CA TYR A 31 9.71 -14.83 6.23
C TYR A 31 8.75 -16.01 6.29
N GLU A 32 9.27 -17.22 6.07
CA GLU A 32 8.38 -18.38 6.08
C GLU A 32 7.70 -18.54 7.43
N ASP A 33 8.39 -18.18 8.52
CA ASP A 33 7.75 -18.29 9.83
C ASP A 33 6.61 -17.30 9.97
N ILE A 34 6.70 -16.13 9.33
CA ILE A 34 5.58 -15.22 9.34
C ILE A 34 4.39 -15.82 8.60
N ARG A 35 4.64 -16.46 7.45
CA ARG A 35 3.55 -17.03 6.67
C ARG A 35 2.83 -18.13 7.44
N ARG A 36 3.59 -18.90 8.22
CA ARG A 36 3.02 -19.95 9.06
C ARG A 36 2.02 -19.40 10.08
N GLU A 37 2.14 -18.12 10.44
CA GLU A 37 1.29 -17.57 11.48
C GLU A 37 -0.18 -17.89 11.22
N ASN A 38 -0.87 -18.27 12.29
CA ASN A 38 -2.27 -18.67 12.23
C ASN A 38 -3.10 -17.51 11.69
N PRO A 39 -3.68 -17.65 10.48
CA PRO A 39 -4.40 -16.52 9.87
C PRO A 39 -5.67 -16.14 10.63
N VAL A 40 -5.53 -15.30 11.65
CA VAL A 40 -6.69 -14.79 12.37
C VAL A 40 -7.51 -13.92 11.42
N GLY A 41 -8.80 -14.22 11.33
CA GLY A 41 -9.72 -13.46 10.50
C GLY A 41 -10.39 -14.35 9.46
N THR A 42 -11.33 -13.73 8.74
CA THR A 42 -12.13 -14.43 7.75
C THR A 42 -12.16 -13.63 6.47
N PHE A 43 -12.59 -14.29 5.39
CA PHE A 43 -12.56 -13.73 4.04
C PHE A 43 -13.92 -13.81 3.37
N HIS A 44 -15.00 -13.75 4.14
CA HIS A 44 -16.30 -14.14 3.61
C HIS A 44 -16.82 -13.11 2.62
N CYS A 45 -16.71 -11.83 2.97
CA CYS A 45 -17.16 -10.79 2.06
C CYS A 45 -16.46 -10.89 0.71
N SER A 46 -15.15 -11.10 0.73
CA SER A 46 -14.39 -11.23 -0.50
C SER A 46 -14.94 -12.32 -1.39
N MET A 47 -15.41 -13.42 -0.79
CA MET A 47 -15.87 -14.58 -1.54
C MET A 47 -17.38 -14.61 -1.74
N SER A 48 -18.12 -13.64 -1.24
CA SER A 48 -19.55 -13.58 -1.53
C SER A 48 -19.71 -13.46 -3.04
N PRO A 49 -20.72 -14.11 -3.62
CA PRO A 49 -20.85 -14.12 -5.09
C PRO A 49 -20.96 -12.74 -5.70
N GLY A 50 -21.67 -11.82 -5.05
CA GLY A 50 -21.69 -10.46 -5.57
C GLY A 50 -20.34 -9.76 -5.58
N ASN A 51 -19.30 -10.37 -4.99
CA ASN A 51 -18.03 -9.70 -4.80
C ASN A 51 -16.87 -10.40 -5.49
N LEU A 52 -17.04 -11.66 -5.89
CA LEU A 52 -15.94 -12.39 -6.52
C LEU A 52 -15.30 -11.54 -7.63
N GLU A 53 -16.11 -11.03 -8.56
CA GLU A 53 -15.59 -10.26 -9.69
C GLU A 53 -15.02 -8.91 -9.27
N LYS A 54 -15.18 -8.52 -8.01
CA LYS A 54 -14.53 -7.31 -7.53
C LYS A 54 -13.13 -7.59 -7.00
N ASN A 55 -12.68 -8.85 -7.04
CA ASN A 55 -11.31 -9.20 -6.73
C ASN A 55 -10.54 -9.43 -8.02
N ARG A 56 -9.40 -8.91 -8.12
CA ARG A 56 -8.56 -9.09 -9.30
C ARG A 56 -8.00 -10.50 -9.38
N TYR A 57 -7.76 -11.10 -8.23
CA TYR A 57 -7.13 -12.41 -8.17
C TYR A 57 -7.94 -13.34 -7.30
N GLY A 58 -8.12 -14.58 -7.75
CA GLY A 58 -8.81 -15.58 -6.95
C GLY A 58 -8.12 -15.85 -5.63
N ASP A 59 -6.81 -15.74 -5.58
CA ASP A 59 -6.04 -16.13 -4.40
C ASP A 59 -5.64 -14.95 -3.54
N VAL A 60 -6.14 -13.75 -3.82
CA VAL A 60 -5.90 -12.62 -2.91
C VAL A 60 -7.23 -12.08 -2.41
N PRO A 61 -7.90 -12.76 -1.48
CA PRO A 61 -9.05 -12.15 -0.81
C PRO A 61 -8.59 -11.07 0.14
N CYS A 62 -9.51 -10.39 0.80
CA CYS A 62 -9.08 -9.56 1.91
C CYS A 62 -9.92 -9.85 3.14
N LEU A 63 -9.37 -9.47 4.29
CA LEU A 63 -9.97 -9.80 5.57
C LEU A 63 -11.25 -9.04 5.77
N ASP A 64 -12.27 -9.75 6.25
CA ASP A 64 -13.51 -9.09 6.67
C ASP A 64 -13.24 -8.05 7.75
N GLN A 65 -12.34 -8.36 8.66
CA GLN A 65 -12.20 -7.59 9.90
C GLN A 65 -11.62 -6.20 9.64
N THR A 66 -10.72 -6.07 8.68
CA THR A 66 -10.06 -4.79 8.42
C THR A 66 -10.49 -4.16 7.11
N ARG A 67 -11.43 -4.75 6.39
CA ARG A 67 -11.76 -4.22 5.08
C ARG A 67 -12.37 -2.84 5.17
N VAL A 68 -12.10 -2.03 4.16
CA VAL A 68 -12.75 -0.75 3.98
C VAL A 68 -14.15 -0.98 3.43
N LYS A 69 -15.15 -0.48 4.13
CA LYS A 69 -16.53 -0.64 3.71
C LYS A 69 -16.98 0.60 2.95
N LEU A 70 -17.76 0.38 1.89
CA LEU A 70 -18.29 1.46 1.06
C LEU A 70 -19.66 1.88 1.57
N THR A 71 -19.85 3.17 1.81
CA THR A 71 -21.10 3.65 2.39
C THR A 71 -22.10 4.15 1.35
N LYS A 72 -21.78 5.25 0.68
CA LYS A 72 -22.70 5.85 -0.28
C LYS A 72 -22.71 5.12 -1.62
N ARG A 73 -23.20 3.89 -1.63
CA ARG A 73 -23.25 3.14 -2.87
C ARG A 73 -24.44 3.55 -3.73
N SER A 74 -24.41 3.12 -4.99
CA SER A 74 -25.49 3.34 -5.93
C SER A 74 -25.36 2.32 -7.05
N GLY A 75 -26.46 1.64 -7.36
CA GLY A 75 -26.44 0.55 -8.30
C GLY A 75 -26.37 -0.78 -7.60
N HIS A 76 -27.12 -1.77 -8.09
CA HIS A 76 -27.10 -3.08 -7.45
C HIS A 76 -25.74 -3.75 -7.54
N THR A 77 -24.91 -3.28 -8.46
CA THR A 77 -23.56 -3.82 -8.61
C THR A 77 -22.64 -3.34 -7.50
N GLN A 78 -22.88 -2.15 -6.95
CA GLN A 78 -21.99 -1.62 -5.93
C GLN A 78 -22.46 -2.14 -4.58
N THR A 79 -21.80 -3.18 -4.10
CA THR A 79 -21.96 -3.60 -2.72
C THR A 79 -21.18 -2.64 -1.82
N ASP A 80 -21.03 -2.96 -0.55
CA ASP A 80 -20.14 -2.20 0.29
C ASP A 80 -18.72 -2.75 0.26
N TYR A 81 -18.43 -3.62 -0.70
CA TYR A 81 -17.15 -4.31 -0.72
C TYR A 81 -16.20 -3.70 -1.72
N ILE A 82 -14.94 -3.57 -1.31
CA ILE A 82 -13.83 -3.28 -2.18
C ILE A 82 -12.64 -4.02 -1.60
N ASN A 83 -11.79 -4.55 -2.46
CA ASN A 83 -10.63 -5.25 -1.95
C ASN A 83 -9.61 -4.24 -1.45
N ALA A 84 -9.72 -3.90 -0.18
CA ALA A 84 -8.94 -2.82 0.43
C ALA A 84 -9.04 -2.99 1.93
N SER A 85 -7.92 -2.86 2.61
CA SER A 85 -7.81 -3.10 4.03
C SER A 85 -7.23 -1.87 4.70
N PHE A 86 -7.84 -1.47 5.80
CA PHE A 86 -7.20 -0.52 6.69
C PHE A 86 -5.96 -1.15 7.30
N MET A 87 -4.88 -0.39 7.37
CA MET A 87 -3.63 -0.88 7.91
C MET A 87 -3.10 0.16 8.88
N ASP A 88 -2.72 -0.28 10.08
CA ASP A 88 -2.10 0.62 11.03
C ASP A 88 -0.69 0.96 10.57
N GLY A 89 -0.21 2.12 11.03
CA GLY A 89 1.18 2.48 10.84
C GLY A 89 1.80 2.84 12.18
N TYR A 90 3.03 3.33 12.15
CA TYR A 90 3.71 3.65 13.40
C TYR A 90 2.93 4.72 14.15
N LYS A 91 2.55 4.41 15.39
CA LYS A 91 1.80 5.33 16.27
C LYS A 91 0.58 5.95 15.57
N GLN A 92 0.04 5.30 14.55
CA GLN A 92 -1.14 5.83 13.89
C GLN A 92 -2.06 4.70 13.43
N LYS A 93 -3.31 4.75 13.83
CA LYS A 93 -4.31 3.78 13.39
C LYS A 93 -4.77 4.18 11.99
N ASN A 94 -4.94 3.19 11.12
CA ASN A 94 -5.44 3.42 9.76
C ASN A 94 -4.52 4.36 9.01
N ALA A 95 -3.21 4.13 9.14
CA ALA A 95 -2.23 4.90 8.40
C ALA A 95 -2.36 4.68 6.89
N TYR A 96 -2.75 3.48 6.48
CA TYR A 96 -2.79 3.10 5.08
C TYR A 96 -4.10 2.40 4.76
N ILE A 97 -4.45 2.42 3.48
CA ILE A 97 -5.41 1.50 2.92
C ILE A 97 -4.64 0.76 1.84
N GLY A 98 -4.33 -0.51 2.11
CA GLY A 98 -3.72 -1.35 1.12
C GLY A 98 -4.82 -1.93 0.27
N THR A 99 -4.77 -1.69 -1.04
CA THR A 99 -5.83 -2.14 -1.91
C THR A 99 -5.21 -2.73 -3.18
N GLN A 100 -6.04 -3.43 -3.95
CA GLN A 100 -5.54 -4.00 -5.18
C GLN A 100 -5.54 -2.93 -6.25
N GLY A 101 -4.92 -3.24 -7.38
CA GLY A 101 -5.09 -2.45 -8.58
C GLY A 101 -6.54 -2.50 -9.03
N PRO A 102 -7.17 -1.34 -9.08
CA PRO A 102 -8.60 -1.29 -9.40
C PRO A 102 -8.90 -1.91 -10.77
N LEU A 103 -9.96 -2.70 -10.84
CA LEU A 103 -10.48 -3.24 -12.09
C LEU A 103 -11.51 -2.27 -12.65
N GLU A 104 -11.80 -2.41 -13.95
CA GLU A 104 -12.78 -1.53 -14.59
C GLU A 104 -14.09 -1.52 -13.84
N ASN A 105 -14.50 -2.66 -13.31
CA ASN A 105 -15.77 -2.70 -12.59
C ASN A 105 -15.63 -2.24 -11.14
N THR A 106 -14.42 -1.90 -10.70
CA THR A 106 -14.21 -1.35 -9.36
C THR A 106 -13.59 0.04 -9.37
N TYR A 107 -13.40 0.67 -10.53
CA TYR A 107 -12.92 2.05 -10.55
C TYR A 107 -13.82 2.94 -9.71
N ARG A 108 -15.12 2.76 -9.87
CA ARG A 108 -16.09 3.59 -9.15
C ARG A 108 -16.05 3.33 -7.66
N ASP A 109 -15.89 2.06 -7.28
CA ASP A 109 -15.73 1.74 -5.87
C ASP A 109 -14.44 2.36 -5.33
N PHE A 110 -13.35 2.32 -6.10
CA PHE A 110 -12.08 2.86 -5.63
C PHE A 110 -12.22 4.34 -5.33
N TRP A 111 -12.78 5.10 -6.27
CA TRP A 111 -12.91 6.53 -6.04
C TRP A 111 -13.88 6.84 -4.90
N LEU A 112 -14.95 6.05 -4.77
CA LEU A 112 -15.83 6.18 -3.63
C LEU A 112 -15.08 6.04 -2.32
N MET A 113 -14.21 5.01 -2.22
CA MET A 113 -13.44 4.79 -1.01
C MET A 113 -12.49 5.94 -0.76
N VAL A 114 -11.74 6.35 -1.78
CA VAL A 114 -10.85 7.51 -1.69
C VAL A 114 -11.62 8.72 -1.17
N TRP A 115 -12.82 8.94 -1.70
CA TRP A 115 -13.60 10.09 -1.26
C TRP A 115 -14.00 9.94 0.19
N GLU A 116 -14.62 8.81 0.51
CA GLU A 116 -15.21 8.62 1.83
C GLU A 116 -14.16 8.56 2.91
N GLN A 117 -12.98 8.01 2.61
CA GLN A 117 -11.91 7.89 3.56
C GLN A 117 -11.04 9.13 3.61
N LYS A 118 -11.47 10.22 2.97
CA LYS A 118 -10.76 11.50 3.02
C LYS A 118 -9.31 11.37 2.54
N VAL A 119 -9.06 10.40 1.68
CA VAL A 119 -7.71 10.11 1.20
C VAL A 119 -7.14 11.32 0.45
N LEU A 120 -5.90 11.68 0.77
CA LEU A 120 -5.21 12.77 0.10
C LEU A 120 -4.08 12.30 -0.81
N VAL A 121 -3.52 11.12 -0.57
CA VAL A 121 -2.39 10.64 -1.34
C VAL A 121 -2.67 9.21 -1.74
N ILE A 122 -2.35 8.88 -2.98
CA ILE A 122 -2.44 7.52 -3.50
C ILE A 122 -1.05 7.13 -3.95
N VAL A 123 -0.56 6.01 -3.48
CA VAL A 123 0.72 5.47 -3.94
C VAL A 123 0.41 4.23 -4.74
N MET A 124 0.89 4.21 -5.98
CA MET A 124 0.74 3.05 -6.86
C MET A 124 2.12 2.53 -7.20
N THR A 125 2.36 1.26 -6.92
CA THR A 125 3.63 0.62 -7.23
C THR A 125 3.37 -0.53 -8.20
N THR A 126 2.94 -0.21 -9.41
CA THR A 126 2.73 -1.22 -10.43
C THR A 126 2.62 -0.48 -11.75
N ARG A 127 2.96 -1.17 -12.83
CA ARG A 127 2.65 -0.66 -14.15
C ARG A 127 1.30 -1.27 -14.50
N PHE A 128 0.66 -0.75 -15.53
CA PHE A 128 -0.64 -1.26 -15.95
C PHE A 128 -0.54 -2.73 -16.38
N GLU A 129 0.51 -3.10 -17.11
CA GLU A 129 0.71 -4.48 -17.49
C GLU A 129 2.14 -4.85 -17.19
N GLU A 130 2.45 -6.14 -17.14
CA GLU A 130 3.83 -6.56 -16.98
C GLU A 130 3.89 -7.99 -17.49
N GLY A 131 4.75 -8.23 -18.47
CA GLY A 131 4.65 -9.46 -19.22
C GLY A 131 3.37 -9.58 -20.00
N GLY A 132 2.83 -8.47 -20.49
CA GLY A 132 1.57 -8.44 -21.20
C GLY A 132 0.38 -8.87 -20.36
N ARG A 133 0.69 -9.39 -19.16
CA ARG A 133 -0.30 -9.62 -18.13
C ARG A 133 -0.88 -8.30 -17.66
N ARG A 134 -2.19 -8.17 -17.69
CA ARG A 134 -2.81 -6.98 -17.14
C ARG A 134 -2.64 -6.97 -15.62
N LYS A 135 -2.22 -5.84 -15.07
CA LYS A 135 -1.93 -5.78 -13.63
C LYS A 135 -2.73 -4.72 -12.89
N CYS A 136 -3.12 -3.65 -13.55
CA CYS A 136 -3.92 -2.62 -12.90
C CYS A 136 -4.67 -1.89 -14.00
N GLY A 137 -5.87 -1.43 -13.70
CA GLY A 137 -6.61 -0.66 -14.67
C GLY A 137 -6.19 0.79 -14.66
N GLN A 138 -6.51 1.47 -15.76
CA GLN A 138 -6.26 2.91 -15.88
C GLN A 138 -7.45 3.62 -15.25
N TYR A 139 -7.43 3.71 -13.92
CA TYR A 139 -8.58 4.15 -13.16
C TYR A 139 -8.64 5.66 -12.97
N TRP A 140 -7.68 6.41 -13.50
CA TRP A 140 -7.66 7.85 -13.33
C TRP A 140 -7.47 8.49 -14.69
N PRO A 141 -7.91 9.74 -14.86
CA PRO A 141 -7.66 10.44 -16.13
C PRO A 141 -6.17 10.70 -16.30
N LEU A 142 -5.60 10.16 -17.39
CA LEU A 142 -4.15 10.13 -17.55
C LEU A 142 -3.61 11.43 -18.12
N GLU A 143 -4.32 12.03 -19.07
CA GLU A 143 -3.85 13.26 -19.67
C GLU A 143 -4.27 14.45 -18.82
N LYS A 144 -3.38 15.43 -18.74
CA LYS A 144 -3.73 16.69 -18.08
C LYS A 144 -4.98 17.25 -18.71
N ASP A 145 -5.87 17.76 -17.86
CA ASP A 145 -7.14 18.40 -18.15
C ASP A 145 -8.22 17.40 -18.51
N SER A 146 -7.94 16.10 -18.58
CA SER A 146 -9.01 15.14 -18.81
C SER A 146 -9.70 14.79 -17.49
N ARG A 147 -10.93 14.30 -17.61
CA ARG A 147 -11.76 14.02 -16.46
C ARG A 147 -12.49 12.70 -16.70
N ILE A 148 -12.74 11.98 -15.62
CA ILE A 148 -13.67 10.86 -15.65
C ILE A 148 -14.70 11.10 -14.56
N ARG A 149 -15.95 10.78 -14.86
CA ARG A 149 -17.03 10.86 -13.90
C ARG A 149 -17.31 9.46 -13.36
N PHE A 150 -17.22 9.30 -12.05
CA PHE A 150 -17.54 8.03 -11.42
C PHE A 150 -18.75 8.35 -10.56
N GLY A 151 -19.94 8.30 -11.17
CA GLY A 151 -21.12 8.70 -10.43
C GLY A 151 -20.98 10.14 -10.00
N PHE A 152 -21.20 10.39 -8.71
CA PHE A 152 -21.16 11.76 -8.22
C PHE A 152 -19.75 12.27 -7.99
N LEU A 153 -18.71 11.47 -8.26
CA LEU A 153 -17.32 11.88 -8.13
C LEU A 153 -16.71 12.08 -9.51
N THR A 154 -16.40 13.33 -9.84
CA THR A 154 -15.65 13.64 -11.04
C THR A 154 -14.19 13.81 -10.66
N VAL A 155 -13.32 13.07 -11.33
CA VAL A 155 -11.88 13.17 -11.13
C VAL A 155 -11.30 13.87 -12.35
N THR A 156 -10.50 14.90 -12.10
CA THR A 156 -9.86 15.69 -13.14
C THR A 156 -8.38 15.73 -12.88
N ASN A 157 -7.60 15.52 -13.94
CA ASN A 157 -6.15 15.50 -13.88
C ASN A 157 -5.61 16.93 -14.03
N LEU A 158 -4.96 17.44 -12.99
CA LEU A 158 -4.55 18.84 -12.99
C LEU A 158 -3.11 19.04 -13.46
N GLY A 159 -2.41 17.98 -13.78
CA GLY A 159 -1.01 18.10 -14.11
C GLY A 159 -0.25 16.89 -13.65
N VAL A 160 0.79 16.55 -14.41
CA VAL A 160 1.63 15.39 -14.17
C VAL A 160 3.07 15.87 -14.17
N GLU A 161 3.85 15.37 -13.22
CA GLU A 161 5.29 15.58 -13.21
C GLU A 161 5.95 14.21 -13.32
N ASN A 162 6.82 14.06 -14.31
CA ASN A 162 7.56 12.84 -14.53
C ASN A 162 8.95 12.98 -13.93
N MET A 163 9.32 12.03 -13.07
CA MET A 163 10.63 12.05 -12.46
C MET A 163 11.38 10.77 -12.75
N ASN A 164 12.38 10.50 -11.93
CA ASN A 164 13.29 9.37 -12.13
C ASN A 164 12.53 8.05 -12.18
N HIS A 165 11.99 7.66 -11.04
CA HIS A 165 11.36 6.36 -10.89
C HIS A 165 9.88 6.45 -10.62
N TYR A 166 9.34 7.66 -10.67
CA TYR A 166 7.93 7.87 -10.37
C TYR A 166 7.34 9.08 -11.07
N LYS A 167 6.06 9.01 -11.32
CA LYS A 167 5.32 10.17 -11.81
C LYS A 167 4.33 10.65 -10.77
N LYS A 168 4.22 11.95 -10.64
CA LYS A 168 3.35 12.61 -9.68
C LYS A 168 2.20 13.24 -10.45
N THR A 169 0.99 12.76 -10.23
CA THR A 169 -0.20 13.35 -10.83
C THR A 169 -1.02 14.05 -9.76
N THR A 170 -1.45 15.25 -10.04
CA THR A 170 -2.37 15.96 -9.15
C THR A 170 -3.77 15.83 -9.73
N LEU A 171 -4.66 15.23 -8.94
CA LEU A 171 -6.04 15.02 -9.31
C LEU A 171 -6.92 15.89 -8.44
N GLU A 172 -7.95 16.46 -9.03
CA GLU A 172 -9.06 17.03 -8.28
C GLU A 172 -10.20 16.02 -8.28
N ILE A 173 -10.74 15.72 -7.10
CA ILE A 173 -11.98 14.97 -6.97
C ILE A 173 -13.08 15.95 -6.64
N HIS A 174 -14.13 15.94 -7.44
CA HIS A 174 -15.26 16.84 -7.30
C HIS A 174 -16.47 15.98 -6.96
N ASN A 175 -16.93 16.08 -5.72
CA ASN A 175 -18.20 15.48 -5.35
C ASN A 175 -19.28 16.46 -5.80
N THR A 176 -19.90 16.14 -6.95
CA THR A 176 -20.88 17.01 -7.58
C THR A 176 -22.23 16.95 -6.89
N GLU A 177 -22.42 15.99 -5.99
CA GLU A 177 -23.63 15.89 -5.20
C GLU A 177 -23.57 16.84 -3.99
N GLU A 178 -22.40 16.95 -3.37
CA GLU A 178 -22.20 17.82 -2.22
C GLU A 178 -21.42 19.08 -2.56
N ARG A 179 -21.08 19.28 -3.83
CA ARG A 179 -20.31 20.41 -4.35
C ARG A 179 -19.07 20.67 -3.51
N GLN A 180 -18.32 19.58 -3.27
CA GLN A 180 -17.07 19.64 -2.54
C GLN A 180 -15.95 19.15 -3.46
N LYS A 181 -14.81 19.82 -3.40
CA LYS A 181 -13.64 19.48 -4.17
C LYS A 181 -12.48 19.20 -3.23
N ARG A 182 -11.68 18.22 -3.62
CA ARG A 182 -10.51 17.86 -2.85
C ARG A 182 -9.41 17.50 -3.83
N GLN A 183 -8.22 18.04 -3.60
CA GLN A 183 -7.07 17.65 -4.38
C GLN A 183 -6.48 16.35 -3.85
N VAL A 184 -6.13 15.45 -4.76
CA VAL A 184 -5.51 14.20 -4.39
C VAL A 184 -4.23 14.07 -5.18
N THR A 185 -3.16 13.69 -4.51
CA THR A 185 -1.88 13.46 -5.18
C THR A 185 -1.73 11.98 -5.44
N HIS A 186 -1.64 11.62 -6.69
CA HIS A 186 -1.44 10.26 -7.12
C HIS A 186 0.04 10.11 -7.48
N PHE A 187 0.71 9.14 -6.87
CA PHE A 187 2.11 8.83 -7.15
C PHE A 187 2.17 7.45 -7.78
N GLN A 188 2.88 7.33 -8.90
CA GLN A 188 3.09 6.02 -9.49
C GLN A 188 4.58 5.74 -9.55
N PHE A 189 5.01 4.74 -8.80
CA PHE A 189 6.40 4.29 -8.78
C PHE A 189 6.57 3.24 -9.87
N LEU A 190 7.52 3.47 -10.78
CA LEU A 190 7.60 2.73 -12.02
C LEU A 190 8.68 1.66 -12.05
N SER A 191 9.59 1.62 -11.07
CA SER A 191 10.71 0.70 -11.11
C SER A 191 10.63 -0.37 -10.02
N TRP A 192 9.42 -0.89 -9.78
CA TRP A 192 9.23 -1.96 -8.80
C TRP A 192 8.44 -3.07 -9.48
N PRO A 193 9.13 -4.08 -10.02
CA PRO A 193 8.42 -5.16 -10.70
C PRO A 193 7.65 -6.02 -9.71
N ALA A 194 6.51 -6.53 -10.16
CA ALA A 194 5.73 -7.43 -9.33
C ALA A 194 6.57 -8.66 -8.98
N TYR A 195 6.31 -9.20 -7.79
CA TYR A 195 7.04 -10.35 -7.25
C TYR A 195 8.51 -10.02 -6.98
N GLY A 196 8.96 -8.82 -7.33
CA GLY A 196 10.35 -8.47 -7.09
C GLY A 196 10.57 -7.31 -6.16
N VAL A 197 11.80 -6.81 -6.15
CA VAL A 197 12.14 -5.66 -5.33
C VAL A 197 12.42 -4.49 -6.27
N PRO A 198 12.51 -3.27 -5.75
CA PRO A 198 12.92 -2.14 -6.60
C PRO A 198 14.39 -2.21 -6.92
N SER A 199 14.79 -1.65 -8.05
CA SER A 199 16.17 -1.69 -8.49
C SER A 199 17.11 -0.92 -7.56
N SER A 200 16.57 0.06 -6.85
CA SER A 200 17.34 0.88 -5.92
C SER A 200 16.55 1.06 -4.64
N ALA A 201 17.06 0.48 -3.55
CA ALA A 201 16.48 0.81 -2.25
C ALA A 201 16.52 2.32 -2.01
N ALA A 202 17.54 2.99 -2.56
CA ALA A 202 17.64 4.43 -2.34
C ALA A 202 16.56 5.18 -3.09
N SER A 203 16.16 4.69 -4.25
CA SER A 203 15.06 5.33 -4.97
C SER A 203 13.74 5.11 -4.24
N LEU A 204 13.56 3.94 -3.63
CA LEU A 204 12.33 3.69 -2.90
C LEU A 204 12.25 4.55 -1.65
N ILE A 205 13.36 4.71 -0.95
CA ILE A 205 13.36 5.50 0.27
C ILE A 205 13.19 6.98 -0.04
N ASP A 206 13.86 7.47 -1.08
CA ASP A 206 13.61 8.83 -1.52
C ASP A 206 12.15 9.00 -1.93
N PHE A 207 11.59 8.02 -2.63
CA PHE A 207 10.17 8.09 -3.01
C PHE A 207 9.29 8.09 -1.78
N LEU A 208 9.64 7.28 -0.79
CA LEU A 208 8.90 7.28 0.48
C LEU A 208 8.92 8.67 1.11
N ARG A 209 10.08 9.32 1.11
CA ARG A 209 10.17 10.69 1.63
C ARG A 209 9.26 11.63 0.86
N VAL A 210 9.28 11.54 -0.47
CA VAL A 210 8.41 12.37 -1.30
C VAL A 210 6.95 12.18 -0.90
N VAL A 211 6.55 10.92 -0.71
CA VAL A 211 5.16 10.61 -0.35
C VAL A 211 4.82 11.16 1.03
N ARG A 212 5.70 10.93 2.01
CA ARG A 212 5.48 11.46 3.34
C ARG A 212 5.40 12.99 3.32
N ASN A 213 6.29 13.62 2.55
CA ASN A 213 6.23 15.07 2.45
C ASN A 213 4.88 15.51 1.87
N GLN A 214 4.40 14.80 0.85
CA GLN A 214 3.13 15.16 0.25
C GLN A 214 1.99 14.95 1.22
N GLN A 215 1.95 13.79 1.87
CA GLN A 215 0.93 13.55 2.89
C GLN A 215 1.00 14.61 3.98
N SER A 216 2.20 14.94 4.44
CA SER A 216 2.32 15.98 5.45
C SER A 216 1.85 17.31 4.90
N LEU A 217 2.25 17.66 3.68
CA LEU A 217 1.84 18.94 3.13
C LEU A 217 0.32 19.02 3.00
N ALA A 218 -0.31 17.91 2.60
CA ALA A 218 -1.76 17.95 2.40
C ALA A 218 -2.50 17.99 3.73
N VAL A 219 -2.00 17.28 4.74
CA VAL A 219 -2.67 17.26 6.03
C VAL A 219 -2.61 18.61 6.71
N SER A 220 -1.52 19.36 6.49
CA SER A 220 -1.43 20.69 7.08
C SER A 220 -2.41 21.67 6.45
N ASN A 221 -2.96 21.34 5.28
CA ASN A 221 -3.89 22.21 4.57
C ASN A 221 -5.34 21.76 4.74
N MET A 222 -5.64 21.07 5.83
CA MET A 222 -7.01 20.71 6.14
C MET A 222 -7.59 21.62 7.21
N PRO A 231 -7.66 10.86 12.75
CA PRO A 231 -7.47 12.28 12.40
C PRO A 231 -6.75 12.47 11.07
N GLU A 232 -5.60 11.79 10.90
CA GLU A 232 -4.90 11.91 9.63
C GLU A 232 -5.46 10.88 8.64
N PRO A 233 -5.83 11.29 7.42
CA PRO A 233 -6.42 10.33 6.47
C PRO A 233 -5.39 9.30 6.04
N PRO A 234 -5.81 8.09 5.74
CA PRO A 234 -4.86 7.07 5.32
C PRO A 234 -4.31 7.38 3.95
N ILE A 235 -3.14 6.85 3.70
CA ILE A 235 -2.57 6.85 2.37
C ILE A 235 -3.02 5.57 1.69
N VAL A 236 -3.65 5.71 0.52
CA VAL A 236 -3.91 4.53 -0.28
C VAL A 236 -2.61 4.04 -0.90
N VAL A 237 -2.33 2.76 -0.72
CA VAL A 237 -1.15 2.14 -1.30
C VAL A 237 -1.62 0.90 -2.01
N HIS A 238 -1.41 0.85 -3.32
CA HIS A 238 -1.82 -0.34 -4.05
C HIS A 238 -0.74 -0.72 -5.02
N ALA A 239 -0.65 -2.02 -5.28
CA ALA A 239 0.17 -2.54 -6.36
C ALA A 239 -0.80 -3.21 -7.34
N SER A 240 -0.63 -4.48 -7.66
CA SER A 240 -1.62 -5.17 -8.46
C SER A 240 -2.59 -5.95 -7.57
N ALA A 241 -2.08 -6.89 -6.80
CA ALA A 241 -2.86 -7.47 -5.73
C ALA A 241 -2.95 -6.55 -4.52
N GLY A 242 -2.02 -5.62 -4.37
CA GLY A 242 -1.99 -4.79 -3.18
C GLY A 242 -1.54 -5.53 -1.94
N ILE A 243 -0.64 -6.50 -2.10
CA ILE A 243 -0.13 -7.21 -0.92
C ILE A 243 1.38 -7.34 -0.94
N GLY A 244 1.96 -7.50 -2.12
CA GLY A 244 3.38 -7.75 -2.24
C GLY A 244 4.20 -6.49 -2.11
N ARG A 245 4.16 -5.65 -3.14
CA ARG A 245 4.86 -4.38 -3.06
C ARG A 245 4.24 -3.46 -2.02
N THR A 246 2.91 -3.58 -1.85
CA THR A 246 2.19 -2.76 -0.89
C THR A 246 2.63 -3.04 0.54
N GLY A 247 2.66 -4.33 0.91
CA GLY A 247 3.10 -4.68 2.24
C GLY A 247 4.55 -4.32 2.47
N THR A 248 5.37 -4.46 1.43
CA THR A 248 6.77 -4.10 1.53
C THR A 248 6.91 -2.59 1.71
N PHE A 249 6.26 -1.83 0.85
CA PHE A 249 6.27 -0.38 0.98
C PHE A 249 5.83 0.02 2.37
N CYS A 250 4.71 -0.52 2.84
CA CYS A 250 4.15 -0.07 4.09
C CYS A 250 4.98 -0.52 5.28
N SER A 251 5.55 -1.74 5.23
CA SER A 251 6.38 -2.22 6.33
C SER A 251 7.64 -1.38 6.43
N LEU A 252 8.30 -1.12 5.30
CA LEU A 252 9.46 -0.26 5.28
C LEU A 252 9.12 1.10 5.87
N ASP A 253 7.99 1.66 5.47
CA ASP A 253 7.59 2.96 5.99
C ASP A 253 7.43 2.92 7.51
N ILE A 254 6.77 1.90 8.04
CA ILE A 254 6.56 1.82 9.48
C ILE A 254 7.90 1.67 10.20
N CYS A 255 8.78 0.84 9.66
CA CYS A 255 10.06 0.56 10.30
C CYS A 255 10.95 1.80 10.31
N LEU A 256 10.96 2.55 9.21
CA LEU A 256 11.71 3.80 9.17
C LEU A 256 11.08 4.86 10.04
N ALA A 257 9.75 4.84 10.18
CA ALA A 257 9.08 5.79 11.06
C ALA A 257 9.45 5.54 12.51
N GLN A 258 9.43 4.28 12.92
CA GLN A 258 9.82 3.91 14.27
C GLN A 258 11.31 4.12 14.49
N LEU A 259 12.13 3.81 13.48
CA LEU A 259 13.56 4.03 13.58
C LEU A 259 13.88 5.49 13.79
N GLU A 260 13.23 6.37 13.00
CA GLU A 260 13.45 7.79 13.10
C GLU A 260 13.08 8.33 14.48
N GLU A 261 11.92 7.92 14.99
CA GLU A 261 11.35 8.53 16.17
C GLU A 261 11.82 7.89 17.46
N LEU A 262 11.88 6.56 17.51
CA LEU A 262 12.28 5.85 18.71
C LEU A 262 13.67 5.29 18.62
N GLY A 263 14.34 5.37 17.49
CA GLY A 263 15.64 4.76 17.36
C GLY A 263 15.60 3.25 17.39
N THR A 264 14.45 2.64 17.07
CA THR A 264 14.29 1.20 17.13
C THR A 264 13.38 0.76 16.00
N LEU A 265 13.36 -0.54 15.75
CA LEU A 265 12.46 -1.11 14.76
C LEU A 265 12.41 -2.61 15.00
N ASN A 266 11.40 -3.26 14.43
CA ASN A 266 11.35 -4.71 14.46
C ASN A 266 10.59 -5.14 13.21
N VAL A 267 11.35 -5.62 12.22
CA VAL A 267 10.76 -6.03 10.94
C VAL A 267 9.75 -7.13 11.16
N PHE A 268 10.13 -8.17 11.91
CA PHE A 268 9.24 -9.29 12.16
C PHE A 268 7.91 -8.83 12.71
N GLN A 269 7.94 -8.14 13.85
CA GLN A 269 6.72 -7.62 14.47
C GLN A 269 5.92 -6.78 13.48
N THR A 270 6.60 -5.91 12.73
CA THR A 270 5.90 -5.06 11.77
C THR A 270 5.14 -5.89 10.74
N VAL A 271 5.81 -6.87 10.13
CA VAL A 271 5.17 -7.62 9.05
C VAL A 271 4.15 -8.61 9.60
N SER A 272 4.46 -9.26 10.71
CA SER A 272 3.50 -10.12 11.40
C SER A 272 2.21 -9.38 11.67
N ARG A 273 2.31 -8.20 12.27
CA ARG A 273 1.11 -7.45 12.59
C ARG A 273 0.44 -6.93 11.33
N MET A 274 1.22 -6.55 10.32
CA MET A 274 0.62 -6.06 9.10
C MET A 274 -0.22 -7.13 8.42
N ARG A 275 0.22 -8.38 8.52
CA ARG A 275 -0.51 -9.46 7.88
C ARG A 275 -1.77 -9.85 8.64
N THR A 276 -1.97 -9.35 9.86
CA THR A 276 -3.29 -9.43 10.49
C THR A 276 -4.23 -8.32 10.02
N GLN A 277 -3.78 -7.43 9.15
CA GLN A 277 -4.61 -6.30 8.73
C GLN A 277 -4.78 -6.24 7.22
N ARG A 278 -3.71 -6.32 6.48
CA ARG A 278 -3.77 -6.58 5.04
C ARG A 278 -3.20 -7.98 4.88
N ALA A 279 -4.09 -8.97 4.79
CA ALA A 279 -3.65 -10.36 4.71
C ALA A 279 -2.67 -10.55 3.55
N PHE A 280 -1.70 -11.44 3.78
CA PHE A 280 -0.67 -11.83 2.82
C PHE A 280 0.32 -10.71 2.49
N SER A 281 0.25 -9.58 3.20
CA SER A 281 1.24 -8.52 3.07
C SER A 281 2.64 -9.10 2.97
N ILE A 282 3.36 -8.68 1.92
CA ILE A 282 4.72 -9.11 1.60
C ILE A 282 4.68 -10.52 1.05
N GLN A 283 5.03 -10.65 -0.23
CA GLN A 283 4.69 -11.82 -1.02
C GLN A 283 5.86 -12.78 -1.21
N THR A 284 7.08 -12.27 -1.18
CA THR A 284 8.25 -13.11 -1.36
C THR A 284 9.26 -12.90 -0.26
N PRO A 285 10.09 -13.90 -0.01
CA PRO A 285 11.17 -13.79 0.96
C PRO A 285 12.16 -12.73 0.51
N GLU A 286 12.21 -12.49 -0.80
CA GLU A 286 13.06 -11.46 -1.36
C GLU A 286 12.58 -10.07 -0.91
N GLN A 287 11.27 -9.87 -0.89
CA GLN A 287 10.73 -8.59 -0.47
C GLN A 287 10.89 -8.42 1.04
N TYR A 288 10.77 -9.52 1.78
CA TYR A 288 11.01 -9.50 3.22
C TYR A 288 12.46 -9.12 3.51
N TYR A 289 13.39 -9.80 2.86
CA TYR A 289 14.81 -9.49 3.04
C TYR A 289 15.12 -8.08 2.60
N PHE A 290 14.38 -7.55 1.62
CA PHE A 290 14.56 -6.18 1.18
C PHE A 290 14.27 -5.15 2.28
N CYS A 291 13.24 -5.38 3.11
CA CYS A 291 13.02 -4.45 4.21
C CYS A 291 14.26 -4.36 5.09
N TYR A 292 14.81 -5.51 5.50
CA TYR A 292 16.05 -5.51 6.27
C TYR A 292 17.15 -4.80 5.51
N LYS A 293 17.34 -5.15 4.24
CA LYS A 293 18.47 -4.64 3.48
C LYS A 293 18.34 -3.14 3.21
N ALA A 294 17.14 -2.67 2.87
CA ALA A 294 16.99 -1.24 2.63
C ALA A 294 17.23 -0.43 3.90
N ILE A 295 16.82 -0.96 5.06
CA ILE A 295 16.99 -0.24 6.31
C ILE A 295 18.46 -0.14 6.66
N LEU A 296 19.17 -1.26 6.57
CA LEU A 296 20.60 -1.24 6.79
C LEU A 296 21.29 -0.30 5.80
N GLU A 297 20.87 -0.33 4.54
CA GLU A 297 21.46 0.54 3.53
C GLU A 297 21.19 2.01 3.83
N PHE A 298 19.93 2.36 4.11
CA PHE A 298 19.60 3.69 4.63
C PHE A 298 20.48 4.05 5.84
N ALA A 299 20.77 3.08 6.69
CA ALA A 299 21.51 3.38 7.90
C ALA A 299 22.99 3.58 7.64
N GLU A 300 23.61 2.74 6.80
CA GLU A 300 24.97 3.00 6.35
C GLU A 300 25.05 4.37 5.70
N LYS A 301 24.28 4.56 4.62
CA LYS A 301 24.26 5.83 3.90
C LYS A 301 24.16 7.03 4.82
N GLU A 302 23.53 6.83 5.98
CA GLU A 302 23.30 7.90 6.94
C GLU A 302 24.33 7.89 8.07
N GLY A 303 25.27 6.95 7.99
CA GLY A 303 26.32 6.86 8.99
C GLY A 303 25.83 6.50 10.39
N MET A 304 24.81 5.65 10.44
CA MET A 304 24.27 5.19 11.71
C MET A 304 25.00 3.94 12.17
N VAL A 305 25.73 3.32 11.27
CA VAL A 305 26.46 2.10 11.58
C VAL A 305 27.84 2.10 10.94
N SER B 2 -9.75 -16.96 -14.39
CA SER B 2 -9.62 -17.10 -12.93
C SER B 2 -8.69 -16.03 -12.36
N GLN B 3 -7.39 -16.15 -12.69
CA GLN B 3 -6.32 -15.22 -12.35
C GLN B 3 -5.73 -15.44 -10.97
N VAL B 4 -4.51 -15.95 -10.92
CA VAL B 4 -3.80 -16.16 -9.67
C VAL B 4 -2.68 -15.12 -9.56
N PTR B 5 -2.36 -14.73 -8.33
CA PTR B 5 -1.30 -13.76 -8.10
C PTR B 5 -0.01 -14.49 -7.77
O PTR B 5 1.03 -14.19 -8.33
CB PTR B 5 -1.67 -12.78 -6.97
CG PTR B 5 -0.68 -11.66 -6.75
CD1 PTR B 5 -0.43 -10.74 -7.76
CD2 PTR B 5 0.00 -11.53 -5.56
CE1 PTR B 5 0.48 -9.70 -7.57
CE2 PTR B 5 0.91 -10.50 -5.35
CZ PTR B 5 1.14 -9.58 -6.36
OH PTR B 5 1.99 -8.61 -6.18
P PTR B 5 1.61 -7.12 -5.68
O1P PTR B 5 2.93 -6.37 -5.41
O2P PTR B 5 0.74 -7.21 -4.41
O3P PTR B 5 0.82 -6.46 -6.74
N SER B 6 -0.11 -15.47 -6.87
CA SER B 6 1.04 -16.25 -6.43
C SER B 6 1.48 -17.23 -7.53
N LEU B 7 2.49 -18.05 -7.20
CA LEU B 7 3.04 -19.04 -8.15
C LEU B 7 3.47 -18.40 -9.48
N ASP B 8 3.68 -17.08 -9.48
CA ASP B 8 3.91 -16.27 -10.68
C ASP B 8 2.82 -16.47 -11.73
#